data_3NWE
#
_entry.id   3NWE
#
_cell.length_a   50.517
_cell.length_b   55.168
_cell.length_c   78.765
_cell.angle_alpha   90.00
_cell.angle_beta   90.00
_cell.angle_gamma   90.00
#
_symmetry.space_group_name_H-M   'P 21 21 21'
#
loop_
_entity.id
_entity.type
_entity.pdbx_description
1 polymer 'Catechol O-methyltransferase'
2 non-polymer 'MAGNESIUM ION'
3 non-polymer 'CHLORIDE ION'
4 non-polymer 'SULFATE ION'
5 non-polymer 5-(4-fluorophenyl)-2,3-dihydroxy-N-[(E)-3-[(2R,3R,4R,5R)-4-hydroxy-3-methyl-5-[6-(propylamino)purin-9-yl]oxolan-2-yl]prop-2-enyl]benzamide
6 non-polymer '2-[N-CYCLOHEXYLAMINO]ETHANE SULFONIC ACID'
7 water water
#
_entity_poly.entity_id   1
_entity_poly.type   'polypeptide(L)'
_entity_poly.pdbx_seq_one_letter_code
;MGDTKEQRILRYVQQNAKPGDPQSVLEAIDTYCTQKEWAMNVGDAKGQIMDAVIREYSPSLVLELGAYCGYSAVRMARLL
QPGARLLTMEINPDCAAITQQMLNFAGLQDKVTILNGASQDLIPQLKKKYDVDTLDMVFLDHWKDRYLPDTLLLEKCGLL
RKGTVLLADNVIVPGTPDFLAYVRGSSSFECTHYSSYLEYMKVVDGLEKAIYQGPSSPDKS
;
_entity_poly.pdbx_strand_id   A
#
loop_
_chem_comp.id
_chem_comp.type
_chem_comp.name
_chem_comp.formula
662 non-polymer 5-(4-fluorophenyl)-2,3-dihydroxy-N-[(E)-3-[(2R,3R,4R,5R)-4-hydroxy-3-methyl-5-[6-(propylamino)purin-9-yl]oxolan-2-yl]prop-2-enyl]benzamide 'C29 H31 F N6 O5'
CL non-polymer 'CHLORIDE ION' 'Cl -1'
MG non-polymer 'MAGNESIUM ION' 'Mg 2'
NHE non-polymer '2-[N-CYCLOHEXYLAMINO]ETHANE SULFONIC ACID' 'C8 H17 N O3 S'
SO4 non-polymer 'SULFATE ION' 'O4 S -2'
#
# COMPACT_ATOMS: atom_id res chain seq x y z
N ASP A 3 6.78 15.37 19.93
CA ASP A 3 7.52 14.73 18.83
C ASP A 3 7.17 13.23 18.68
N THR A 4 6.81 12.80 17.48
CA THR A 4 6.11 11.51 17.30
C THR A 4 6.98 10.40 16.72
N LYS A 5 6.51 9.17 16.88
CA LYS A 5 7.23 8.02 16.33
C LYS A 5 7.45 8.16 14.82
N GLU A 6 6.43 8.63 14.13
CA GLU A 6 6.52 8.75 12.69
C GLU A 6 7.59 9.76 12.30
N GLN A 7 7.65 10.87 13.03
CA GLN A 7 8.68 11.87 12.78
CA GLN A 7 8.68 11.89 12.80
C GLN A 7 10.06 11.32 13.07
N ARG A 8 10.17 10.50 14.12
CA ARG A 8 11.46 9.91 14.46
C ARG A 8 11.94 8.95 13.39
N ILE A 9 11.01 8.21 12.78
CA ILE A 9 11.36 7.35 11.64
C ILE A 9 11.89 8.16 10.46
N LEU A 10 11.15 9.19 10.05
CA LEU A 10 11.62 10.07 8.99
C LEU A 10 13.01 10.64 9.32
N ARG A 11 13.22 11.08 10.56
CA ARG A 11 14.48 11.73 10.92
C ARG A 11 15.59 10.70 10.81
N TYR A 12 15.33 9.47 11.24
CA TYR A 12 16.34 8.44 11.18
C TYR A 12 16.74 8.14 9.74
N VAL A 13 15.77 8.06 8.85
CA VAL A 13 16.03 7.91 7.44
C VAL A 13 16.90 9.05 6.90
N GLN A 14 16.53 10.30 7.20
CA GLN A 14 17.29 11.45 6.74
C GLN A 14 18.72 11.49 7.33
N GLN A 15 18.88 11.06 8.57
CA GLN A 15 20.19 11.06 9.21
C GLN A 15 21.07 9.95 8.64
N ASN A 16 20.45 8.87 8.16
CA ASN A 16 21.16 7.63 7.87
C ASN A 16 21.21 7.22 6.41
N ALA A 17 20.08 7.24 5.71
CA ALA A 17 20.01 6.72 4.35
C ALA A 17 20.57 7.68 3.28
N LYS A 18 20.64 7.18 2.06
CA LYS A 18 21.10 7.95 0.89
C LYS A 18 19.96 8.52 0.03
N PRO A 19 19.96 9.84 -0.19
CA PRO A 19 18.92 10.41 -1.06
C PRO A 19 18.96 9.79 -2.45
N GLY A 20 17.80 9.49 -3.01
CA GLY A 20 17.71 8.96 -4.36
C GLY A 20 17.87 7.45 -4.45
N ASP A 21 18.03 6.79 -3.30
CA ASP A 21 18.27 5.36 -3.23
C ASP A 21 17.16 4.67 -2.42
N PRO A 22 16.10 4.23 -3.11
CA PRO A 22 14.96 3.64 -2.41
C PRO A 22 15.32 2.45 -1.51
N GLN A 23 16.22 1.57 -1.93
CA GLN A 23 16.60 0.44 -1.09
CA GLN A 23 16.60 0.44 -1.09
C GLN A 23 17.20 0.92 0.23
N SER A 24 18.03 1.96 0.17
CA SER A 24 18.64 2.44 1.41
C SER A 24 17.58 3.00 2.36
N VAL A 25 16.53 3.61 1.81
CA VAL A 25 15.43 4.13 2.61
C VAL A 25 14.68 2.97 3.29
N LEU A 26 14.32 1.94 2.53
CA LEU A 26 13.63 0.79 3.11
C LEU A 26 14.47 0.12 4.22
N GLU A 27 15.77 -0.07 3.97
CA GLU A 27 16.66 -0.69 4.97
C GLU A 27 16.77 0.14 6.24
N ALA A 28 16.85 1.46 6.11
CA ALA A 28 16.89 2.33 7.30
C ALA A 28 15.62 2.20 8.12
N ILE A 29 14.48 2.20 7.47
CA ILE A 29 13.23 2.05 8.18
C ILE A 29 13.16 0.70 8.90
N ASP A 30 13.54 -0.35 8.19
CA ASP A 30 13.49 -1.70 8.79
C ASP A 30 14.45 -1.79 9.98
N THR A 31 15.63 -1.19 9.85
CA THR A 31 16.56 -1.19 10.97
C THR A 31 16.00 -0.45 12.16
N TYR A 32 15.47 0.75 11.93
CA TYR A 32 14.91 1.54 13.01
C TYR A 32 13.81 0.76 13.73
N CYS A 33 12.96 0.12 12.95
CA CYS A 33 11.78 -0.53 13.52
C CYS A 33 12.09 -1.84 14.20
N THR A 34 13.26 -2.40 13.90
CA THR A 34 13.73 -3.61 14.55
C THR A 34 14.54 -3.31 15.79
N GLN A 35 15.33 -2.24 15.74
CA GLN A 35 16.28 -1.98 16.80
C GLN A 35 15.79 -0.92 17.79
N LYS A 36 14.91 -0.02 17.35
CA LYS A 36 14.51 1.11 18.19
C LYS A 36 13.04 1.08 18.62
N GLU A 37 12.12 1.21 17.66
CA GLU A 37 10.69 1.28 17.97
C GLU A 37 9.93 0.63 16.84
N TRP A 38 9.09 -0.35 17.17
CA TRP A 38 8.21 -0.99 16.20
C TRP A 38 7.27 0.02 15.55
N ALA A 39 6.96 -0.17 14.27
CA ALA A 39 5.90 0.59 13.63
C ALA A 39 5.22 -0.25 12.56
N MET A 40 4.00 0.12 12.23
CA MET A 40 3.14 -0.69 11.38
C MET A 40 3.36 -0.50 9.88
N ASN A 41 4.63 -0.48 9.47
CA ASN A 41 4.99 -0.56 8.07
C ASN A 41 4.78 -2.00 7.61
N VAL A 42 4.57 -2.22 6.32
CA VAL A 42 4.29 -3.58 5.88
C VAL A 42 5.47 -4.50 6.18
N GLY A 43 6.69 -3.95 6.21
CA GLY A 43 7.85 -4.70 6.63
C GLY A 43 8.49 -5.48 5.50
N ASP A 44 9.63 -6.08 5.82
CA ASP A 44 10.41 -6.76 4.80
C ASP A 44 9.86 -8.14 4.45
N ALA A 45 9.24 -8.84 5.39
CA ALA A 45 8.76 -10.18 5.08
C ALA A 45 7.58 -10.14 4.10
N LYS A 46 6.56 -9.40 4.45
CA LYS A 46 5.45 -9.19 3.54
C LYS A 46 5.86 -8.32 2.35
N GLY A 47 6.80 -7.41 2.56
CA GLY A 47 7.29 -6.55 1.49
C GLY A 47 7.88 -7.34 0.33
N GLN A 48 8.60 -8.41 0.66
CA GLN A 48 9.18 -9.26 -0.40
C GLN A 48 8.07 -9.93 -1.24
N ILE A 49 6.96 -10.29 -0.61
CA ILE A 49 5.81 -10.86 -1.32
C ILE A 49 5.17 -9.79 -2.20
N MET A 50 4.98 -8.59 -1.64
CA MET A 50 4.49 -7.48 -2.46
CA MET A 50 4.51 -7.46 -2.44
C MET A 50 5.36 -7.25 -3.68
N ASP A 51 6.67 -7.28 -3.51
CA ASP A 51 7.59 -7.03 -4.61
C ASP A 51 7.35 -8.06 -5.71
N ALA A 52 7.19 -9.32 -5.31
CA ALA A 52 7.03 -10.40 -6.28
C ALA A 52 5.72 -10.25 -7.04
N VAL A 53 4.66 -9.85 -6.32
CA VAL A 53 3.35 -9.60 -6.97
C VAL A 53 3.41 -8.43 -7.94
N ILE A 54 4.02 -7.33 -7.51
CA ILE A 54 4.14 -6.15 -8.37
C ILE A 54 4.90 -6.50 -9.67
N ARG A 55 6.00 -7.20 -9.54
CA ARG A 55 6.80 -7.58 -10.71
C ARG A 55 6.00 -8.51 -11.61
N GLU A 56 5.18 -9.39 -11.03
CA GLU A 56 4.44 -10.32 -11.86
C GLU A 56 3.40 -9.60 -12.73
N TYR A 57 2.73 -8.59 -12.18
CA TYR A 57 1.58 -8.00 -12.87
C TYR A 57 1.90 -6.75 -13.65
N SER A 58 3.01 -6.12 -13.31
CA SER A 58 3.46 -4.91 -13.98
CA SER A 58 3.46 -4.92 -13.99
C SER A 58 2.32 -3.92 -14.17
N PRO A 59 1.73 -3.48 -13.06
CA PRO A 59 0.59 -2.57 -13.19
C PRO A 59 0.95 -1.19 -13.70
N SER A 60 0.11 -0.59 -14.52
CA SER A 60 0.38 0.78 -14.95
C SER A 60 -0.14 1.84 -14.01
N LEU A 61 -1.19 1.49 -13.27
CA LEU A 61 -1.81 2.40 -12.31
C LEU A 61 -2.21 1.61 -11.05
N VAL A 62 -1.61 2.00 -9.93
CA VAL A 62 -1.83 1.39 -8.65
C VAL A 62 -2.43 2.42 -7.71
N LEU A 63 -3.42 1.99 -6.93
CA LEU A 63 -4.00 2.80 -5.86
C LEU A 63 -3.63 2.17 -4.53
N GLU A 64 -3.11 2.96 -3.60
CA GLU A 64 -2.85 2.52 -2.24
C GLU A 64 -3.79 3.24 -1.29
N LEU A 65 -4.43 2.48 -0.40
CA LEU A 65 -5.30 3.04 0.64
C LEU A 65 -4.60 2.93 1.96
N GLY A 66 -4.22 4.09 2.51
CA GLY A 66 -3.42 4.14 3.72
C GLY A 66 -1.92 4.15 3.46
N ALA A 67 -1.32 5.30 3.52
CA ALA A 67 0.14 5.41 3.30
C ALA A 67 0.98 5.25 4.56
N TYR A 68 0.48 5.78 5.68
CA TYR A 68 1.20 5.81 6.94
C TYR A 68 2.50 6.62 6.75
N CYS A 69 3.67 6.00 6.75
CA CYS A 69 4.91 6.75 6.61
C CYS A 69 5.51 6.63 5.23
N GLY A 70 4.85 5.92 4.33
CA GLY A 70 5.30 5.81 2.95
C GLY A 70 6.17 4.62 2.64
N TYR A 71 6.38 3.72 3.59
CA TYR A 71 7.20 2.54 3.35
C TYR A 71 6.68 1.71 2.17
N SER A 72 5.40 1.36 2.16
CA SER A 72 4.89 0.56 1.06
CA SER A 72 4.87 0.57 1.05
C SER A 72 4.87 1.36 -0.25
N ALA A 73 4.68 2.68 -0.17
CA ALA A 73 4.69 3.51 -1.38
C ALA A 73 6.10 3.48 -2.02
N VAL A 74 7.12 3.59 -1.19
CA VAL A 74 8.51 3.48 -1.68
C VAL A 74 8.72 2.09 -2.29
N ARG A 75 8.29 1.06 -1.57
CA ARG A 75 8.46 -0.29 -2.04
C ARG A 75 7.84 -0.52 -3.42
N MET A 76 6.60 -0.07 -3.60
CA MET A 76 5.93 -0.27 -4.86
C MET A 76 6.47 0.65 -5.93
N ALA A 77 6.68 1.91 -5.61
CA ALA A 77 6.98 2.84 -6.67
C ALA A 77 8.33 2.52 -7.31
N ARG A 78 9.24 1.97 -6.51
CA ARG A 78 10.57 1.64 -7.00
C ARG A 78 10.55 0.51 -8.07
N LEU A 79 9.45 -0.22 -8.16
CA LEU A 79 9.32 -1.35 -9.06
C LEU A 79 8.44 -1.04 -10.28
N LEU A 80 7.85 0.15 -10.30
CA LEU A 80 7.00 0.57 -11.42
C LEU A 80 7.82 0.78 -12.70
N GLN A 81 7.23 0.41 -13.84
CA GLN A 81 7.87 0.63 -15.14
C GLN A 81 7.81 2.11 -15.48
N PRO A 82 8.72 2.58 -16.37
CA PRO A 82 8.63 3.98 -16.78
C PRO A 82 7.23 4.34 -17.25
N GLY A 83 6.72 5.49 -16.80
CA GLY A 83 5.37 5.86 -17.16
C GLY A 83 4.26 5.33 -16.27
N ALA A 84 4.50 4.27 -15.48
CA ALA A 84 3.49 3.77 -14.55
C ALA A 84 3.44 4.65 -13.32
N ARG A 85 2.31 4.63 -12.61
CA ARG A 85 2.06 5.57 -11.54
C ARG A 85 1.36 4.93 -10.34
N LEU A 86 1.63 5.49 -9.17
CA LEU A 86 0.95 5.15 -7.95
C LEU A 86 0.20 6.35 -7.40
N LEU A 87 -1.07 6.14 -7.03
CA LEU A 87 -1.83 7.11 -6.27
C LEU A 87 -1.99 6.55 -4.86
N THR A 88 -1.71 7.36 -3.87
CA THR A 88 -1.89 6.89 -2.50
CA THR A 88 -1.78 6.96 -2.47
C THR A 88 -2.69 7.89 -1.69
N MET A 89 -3.66 7.35 -0.97
CA MET A 89 -4.55 8.14 -0.18
C MET A 89 -4.23 8.00 1.31
N GLU A 90 -4.16 9.14 1.98
CA GLU A 90 -3.79 9.19 3.39
C GLU A 90 -4.56 10.31 4.06
N ILE A 91 -5.46 9.92 4.95
CA ILE A 91 -6.36 10.86 5.60
C ILE A 91 -5.69 11.72 6.68
N ASN A 92 -4.65 11.21 7.32
CA ASN A 92 -4.00 11.94 8.39
C ASN A 92 -2.98 12.91 7.80
N PRO A 93 -3.14 14.21 8.05
CA PRO A 93 -2.25 15.18 7.41
C PRO A 93 -0.78 15.01 7.76
N ASP A 94 -0.49 14.67 9.01
CA ASP A 94 0.88 14.46 9.43
C ASP A 94 1.52 13.30 8.71
N CYS A 95 0.78 12.21 8.57
CA CYS A 95 1.29 11.07 7.82
C CYS A 95 1.44 11.38 6.34
N ALA A 96 0.52 12.17 5.80
CA ALA A 96 0.61 12.47 4.38
C ALA A 96 1.89 13.25 4.11
N ALA A 97 2.22 14.17 5.01
CA ALA A 97 3.45 14.95 4.88
C ALA A 97 4.69 14.08 5.06
N ILE A 98 4.66 13.19 6.04
CA ILE A 98 5.81 12.27 6.20
C ILE A 98 5.99 11.42 4.95
N THR A 99 4.90 10.90 4.43
CA THR A 99 4.95 10.06 3.22
C THR A 99 5.52 10.85 2.02
N GLN A 100 5.05 12.07 1.82
CA GLN A 100 5.57 12.89 0.73
C GLN A 100 7.07 13.11 0.87
N GLN A 101 7.51 13.43 2.08
CA GLN A 101 8.92 13.64 2.33
C GLN A 101 9.73 12.38 2.16
N MET A 102 9.17 11.24 2.55
CA MET A 102 9.85 9.95 2.38
C MET A 102 10.09 9.65 0.90
N LEU A 103 9.06 9.89 0.10
CA LEU A 103 9.16 9.63 -1.34
C LEU A 103 10.10 10.64 -2.02
N ASN A 104 10.04 11.90 -1.57
CA ASN A 104 10.99 12.93 -2.07
C ASN A 104 12.43 12.46 -1.80
N PHE A 105 12.67 12.02 -0.58
CA PHE A 105 14.01 11.63 -0.19
C PHE A 105 14.47 10.46 -1.06
N ALA A 106 13.57 9.52 -1.28
CA ALA A 106 13.87 8.35 -2.11
C ALA A 106 14.01 8.67 -3.60
N GLY A 107 13.62 9.87 -4.03
CA GLY A 107 13.68 10.21 -5.43
C GLY A 107 12.56 9.65 -6.28
N LEU A 108 11.46 9.26 -5.64
CA LEU A 108 10.34 8.63 -6.32
C LEU A 108 9.14 9.53 -6.53
N GLN A 109 9.27 10.79 -6.17
CA GLN A 109 8.13 11.70 -6.18
C GLN A 109 7.47 11.88 -7.56
N ASP A 110 8.21 11.64 -8.64
CA ASP A 110 7.66 11.82 -9.97
CA ASP A 110 7.70 11.79 -9.98
C ASP A 110 6.72 10.69 -10.37
N LYS A 111 6.74 9.58 -9.61
CA LYS A 111 5.90 8.41 -9.92
C LYS A 111 4.68 8.28 -9.02
N VAL A 112 4.58 9.13 -7.99
CA VAL A 112 3.56 8.98 -6.97
C VAL A 112 2.80 10.26 -6.74
N THR A 113 1.50 10.15 -6.54
CA THR A 113 0.69 11.28 -6.10
C THR A 113 0.13 10.91 -4.74
N ILE A 114 0.42 11.72 -3.74
CA ILE A 114 -0.06 11.48 -2.40
C ILE A 114 -1.22 12.41 -2.16
N LEU A 115 -2.40 11.83 -2.03
CA LEU A 115 -3.60 12.61 -1.78
C LEU A 115 -3.99 12.59 -0.31
N ASN A 116 -4.02 13.75 0.31
CA ASN A 116 -4.39 13.88 1.73
C ASN A 116 -5.89 14.05 1.86
N GLY A 117 -6.58 12.95 2.13
CA GLY A 117 -8.02 12.96 2.33
C GLY A 117 -8.49 11.54 2.62
N ALA A 118 -9.78 11.42 2.94
CA ALA A 118 -10.42 10.13 3.16
C ALA A 118 -10.70 9.41 1.84
N SER A 119 -10.39 8.12 1.81
CA SER A 119 -10.63 7.28 0.66
C SER A 119 -12.09 7.39 0.18
N GLN A 120 -13.03 7.44 1.12
CA GLN A 120 -14.42 7.41 0.73
C GLN A 120 -14.82 8.73 0.06
N ASP A 121 -14.06 9.79 0.33
CA ASP A 121 -14.31 11.07 -0.31
C ASP A 121 -13.54 11.19 -1.64
N LEU A 122 -12.34 10.62 -1.70
CA LEU A 122 -11.49 10.76 -2.89
C LEU A 122 -11.81 9.78 -4.00
N ILE A 123 -12.16 8.55 -3.61
CA ILE A 123 -12.44 7.51 -4.60
C ILE A 123 -13.45 7.98 -5.66
N PRO A 124 -14.57 8.60 -5.24
CA PRO A 124 -15.56 9.01 -6.22
C PRO A 124 -15.11 10.20 -7.09
N GLN A 125 -13.96 10.78 -6.79
CA GLN A 125 -13.41 11.87 -7.61
C GLN A 125 -12.35 11.42 -8.61
N LEU A 126 -11.92 10.16 -8.53
CA LEU A 126 -10.77 9.74 -9.32
C LEU A 126 -10.99 9.87 -10.82
N LYS A 127 -12.17 9.49 -11.30
CA LYS A 127 -12.41 9.54 -12.74
C LYS A 127 -12.48 10.96 -13.26
N LYS A 128 -13.20 11.83 -12.58
CA LYS A 128 -13.41 13.18 -13.11
C LYS A 128 -12.24 14.10 -12.81
N LYS A 129 -11.76 14.10 -11.57
CA LYS A 129 -10.73 15.05 -11.17
C LYS A 129 -9.30 14.58 -11.45
N TYR A 130 -9.08 13.26 -11.41
CA TYR A 130 -7.73 12.69 -11.65
C TYR A 130 -7.62 11.92 -12.96
N ASP A 131 -8.63 12.04 -13.80
CA ASP A 131 -8.62 11.42 -15.12
C ASP A 131 -8.21 9.92 -15.09
N VAL A 132 -8.75 9.18 -14.13
CA VAL A 132 -8.54 7.73 -14.07
C VAL A 132 -9.64 7.04 -14.86
N ASP A 133 -9.31 5.98 -15.61
CA ASP A 133 -10.32 5.08 -16.19
C ASP A 133 -10.54 3.94 -15.20
N THR A 134 -9.67 2.94 -15.23
CA THR A 134 -9.72 1.86 -14.24
C THR A 134 -8.36 1.61 -13.63
N LEU A 135 -8.39 0.97 -12.48
CA LEU A 135 -7.17 0.66 -11.75
C LEU A 135 -6.64 -0.73 -12.11
N ASP A 136 -5.32 -0.88 -12.17
CA ASP A 136 -4.74 -2.19 -12.42
C ASP A 136 -4.47 -2.96 -11.14
N MET A 137 -4.18 -2.24 -10.05
CA MET A 137 -3.92 -2.84 -8.77
C MET A 137 -4.32 -1.91 -7.67
N VAL A 138 -4.74 -2.48 -6.54
CA VAL A 138 -5.11 -1.75 -5.32
C VAL A 138 -4.46 -2.45 -4.15
N PHE A 139 -3.72 -1.67 -3.36
CA PHE A 139 -3.16 -2.13 -2.10
C PHE A 139 -3.97 -1.57 -0.95
N LEU A 140 -4.53 -2.45 -0.13
CA LEU A 140 -5.33 -2.03 1.02
CA LEU A 140 -5.36 -2.06 1.01
C LEU A 140 -4.54 -2.20 2.29
N ASP A 141 -4.35 -1.10 3.02
CA ASP A 141 -3.57 -1.15 4.27
C ASP A 141 -3.98 -0.04 5.24
N HIS A 142 -5.23 0.39 5.15
CA HIS A 142 -5.76 1.41 6.04
C HIS A 142 -6.53 0.75 7.22
N TRP A 143 -7.51 1.43 7.84
CA TRP A 143 -8.21 0.79 8.95
C TRP A 143 -8.90 -0.47 8.42
N LYS A 144 -8.80 -1.54 9.19
CA LYS A 144 -9.14 -2.85 8.66
C LYS A 144 -10.66 -2.97 8.41
N ASP A 145 -11.46 -2.21 9.14
CA ASP A 145 -12.90 -2.21 8.92
C ASP A 145 -13.31 -1.42 7.68
N ARG A 146 -12.37 -0.82 6.98
CA ARG A 146 -12.70 -0.06 5.78
C ARG A 146 -12.32 -0.81 4.51
N TYR A 147 -11.65 -1.95 4.62
CA TYR A 147 -11.30 -2.70 3.40
C TYR A 147 -12.53 -3.09 2.60
N LEU A 148 -13.57 -3.65 3.27
CA LEU A 148 -14.76 -4.07 2.55
C LEU A 148 -15.56 -2.86 2.02
N PRO A 149 -15.86 -1.87 2.89
CA PRO A 149 -16.60 -0.71 2.37
C PRO A 149 -15.93 -0.05 1.16
N ASP A 150 -14.60 0.10 1.20
CA ASP A 150 -13.90 0.71 0.07
C ASP A 150 -13.82 -0.18 -1.18
N THR A 151 -13.75 -1.50 -1.01
CA THR A 151 -13.77 -2.39 -2.15
C THR A 151 -15.11 -2.24 -2.87
N LEU A 152 -16.19 -2.21 -2.10
CA LEU A 152 -17.53 -2.09 -2.66
C LEU A 152 -17.70 -0.72 -3.33
N LEU A 153 -17.11 0.31 -2.75
CA LEU A 153 -17.14 1.65 -3.34
C LEU A 153 -16.36 1.73 -4.66
N LEU A 154 -15.18 1.11 -4.71
CA LEU A 154 -14.39 1.02 -5.95
C LEU A 154 -15.21 0.40 -7.06
N GLU A 155 -15.92 -0.67 -6.74
CA GLU A 155 -16.75 -1.32 -7.75
C GLU A 155 -17.87 -0.38 -8.18
N LYS A 156 -18.52 0.29 -7.23
CA LYS A 156 -19.66 1.14 -7.58
C LYS A 156 -19.26 2.26 -8.54
N CYS A 157 -18.06 2.79 -8.31
CA CYS A 157 -17.54 3.91 -9.07
C CYS A 157 -16.92 3.50 -10.40
N GLY A 158 -16.96 2.21 -10.73
CA GLY A 158 -16.49 1.74 -12.01
C GLY A 158 -15.00 1.74 -12.16
N LEU A 159 -14.28 1.68 -11.05
CA LEU A 159 -12.83 1.74 -11.06
C LEU A 159 -12.16 0.39 -11.17
N LEU A 160 -12.91 -0.70 -11.00
CA LEU A 160 -12.34 -2.03 -11.18
C LEU A 160 -12.64 -2.56 -12.58
N ARG A 161 -11.69 -3.27 -13.17
CA ARG A 161 -11.91 -3.96 -14.46
C ARG A 161 -11.65 -5.45 -14.24
N LYS A 162 -12.09 -6.26 -15.20
CA LYS A 162 -11.69 -7.68 -15.20
C LYS A 162 -10.18 -7.72 -15.12
N GLY A 163 -9.69 -8.42 -14.10
CA GLY A 163 -8.26 -8.54 -13.90
C GLY A 163 -7.60 -7.59 -12.92
N THR A 164 -8.32 -6.60 -12.41
CA THR A 164 -7.78 -5.73 -11.36
C THR A 164 -7.37 -6.57 -10.15
N VAL A 165 -6.15 -6.35 -9.68
CA VAL A 165 -5.58 -7.10 -8.58
C VAL A 165 -5.73 -6.32 -7.28
N LEU A 166 -6.49 -6.85 -6.34
CA LEU A 166 -6.51 -6.31 -4.98
C LEU A 166 -5.49 -7.10 -4.15
N LEU A 167 -4.70 -6.36 -3.40
CA LEU A 167 -3.72 -6.95 -2.49
C LEU A 167 -3.94 -6.32 -1.11
N ALA A 168 -4.26 -7.15 -0.13
CA ALA A 168 -4.69 -6.69 1.20
C ALA A 168 -3.71 -7.12 2.28
N ASP A 169 -3.20 -6.14 3.04
CA ASP A 169 -2.34 -6.42 4.18
C ASP A 169 -3.16 -6.86 5.40
N ASN A 170 -2.52 -7.60 6.30
CA ASN A 170 -3.03 -7.85 7.64
C ASN A 170 -4.28 -8.69 7.66
N VAL A 171 -4.39 -9.66 6.76
CA VAL A 171 -5.63 -10.42 6.77
C VAL A 171 -5.67 -11.48 7.88
N ILE A 172 -4.56 -11.67 8.60
CA ILE A 172 -4.53 -12.50 9.82
C ILE A 172 -4.47 -11.63 11.06
N VAL A 173 -3.52 -10.68 11.10
CA VAL A 173 -3.38 -9.80 12.24
CA VAL A 173 -3.39 -9.79 12.24
C VAL A 173 -3.13 -8.36 11.77
N PRO A 174 -3.96 -7.42 12.22
CA PRO A 174 -5.13 -7.57 13.09
C PRO A 174 -6.29 -8.37 12.50
N GLY A 175 -6.28 -8.62 11.18
CA GLY A 175 -7.40 -9.31 10.59
C GLY A 175 -8.39 -8.34 9.97
N THR A 176 -9.10 -8.83 8.96
CA THR A 176 -10.14 -8.04 8.30
C THR A 176 -11.24 -9.03 7.93
N PRO A 177 -11.99 -9.49 8.96
CA PRO A 177 -12.80 -10.71 8.72
C PRO A 177 -13.94 -10.52 7.74
N ASP A 178 -14.59 -9.36 7.74
CA ASP A 178 -15.66 -9.15 6.77
C ASP A 178 -15.13 -9.12 5.33
N PHE A 179 -14.06 -8.37 5.08
CA PHE A 179 -13.45 -8.36 3.75
C PHE A 179 -13.05 -9.76 3.29
N LEU A 180 -12.35 -10.48 4.17
CA LEU A 180 -11.76 -11.75 3.77
C LEU A 180 -12.87 -12.76 3.44
N ALA A 181 -13.90 -12.81 4.27
CA ALA A 181 -15.02 -13.71 4.04
C ALA A 181 -15.71 -13.30 2.74
N TYR A 182 -15.87 -12.00 2.55
CA TYR A 182 -16.55 -11.51 1.36
C TYR A 182 -15.84 -11.90 0.06
N VAL A 183 -14.55 -11.57 -0.05
CA VAL A 183 -13.86 -11.87 -1.30
C VAL A 183 -13.76 -13.37 -1.52
N ARG A 184 -13.50 -14.15 -0.46
CA ARG A 184 -13.39 -15.60 -0.62
C ARG A 184 -14.69 -16.26 -0.99
N GLY A 185 -15.82 -15.64 -0.64
CA GLY A 185 -17.13 -16.20 -0.96
C GLY A 185 -17.73 -15.71 -2.26
N SER A 186 -17.11 -14.71 -2.85
CA SER A 186 -17.67 -14.05 -4.02
C SER A 186 -17.18 -14.60 -5.36
N SER A 187 -18.10 -14.87 -6.26
CA SER A 187 -17.73 -15.34 -7.59
CA SER A 187 -17.74 -15.35 -7.60
C SER A 187 -17.10 -14.23 -8.43
N SER A 188 -17.10 -13.01 -7.91
CA SER A 188 -16.47 -11.91 -8.62
C SER A 188 -15.02 -11.72 -8.27
N PHE A 189 -14.47 -12.58 -7.41
CA PHE A 189 -13.05 -12.50 -7.07
C PHE A 189 -12.45 -13.90 -7.09
N GLU A 190 -11.22 -13.98 -7.55
CA GLU A 190 -10.42 -15.18 -7.44
C GLU A 190 -9.30 -14.87 -6.47
N CYS A 191 -9.23 -15.65 -5.38
CA CYS A 191 -8.36 -15.32 -4.25
C CYS A 191 -7.21 -16.30 -4.04
N THR A 192 -6.09 -15.72 -3.59
CA THR A 192 -4.91 -16.47 -3.21
C THR A 192 -4.36 -15.90 -1.89
N HIS A 193 -3.99 -16.77 -0.96
CA HIS A 193 -3.43 -16.34 0.33
C HIS A 193 -1.91 -16.58 0.36
N TYR A 194 -1.17 -15.56 0.81
CA TYR A 194 0.28 -15.61 0.95
C TYR A 194 0.60 -15.46 2.42
N SER A 195 0.92 -16.59 3.06
CA SER A 195 1.22 -16.60 4.48
C SER A 195 2.62 -15.98 4.73
N SER A 196 2.71 -15.15 5.75
CA SER A 196 3.98 -14.50 6.02
C SER A 196 4.05 -14.17 7.53
N TYR A 197 4.68 -13.04 7.86
CA TYR A 197 4.86 -12.64 9.25
C TYR A 197 4.55 -11.16 9.39
N LEU A 198 3.95 -10.83 10.52
CA LEU A 198 3.76 -9.47 10.92
C LEU A 198 5.11 -8.75 10.88
N GLU A 199 5.09 -7.53 10.37
CA GLU A 199 6.28 -6.72 10.31
C GLU A 199 7.07 -6.78 11.62
N TYR A 200 8.37 -7.07 11.51
CA TYR A 200 9.33 -6.97 12.62
C TYR A 200 9.01 -7.88 13.81
N MET A 201 8.20 -8.92 13.58
CA MET A 201 7.74 -9.81 14.63
CA MET A 201 7.76 -9.82 14.63
C MET A 201 7.63 -11.26 14.16
N LYS A 202 7.77 -12.17 15.10
CA LYS A 202 7.62 -13.59 14.84
C LYS A 202 6.18 -13.99 15.15
N VAL A 203 5.28 -13.39 14.39
CA VAL A 203 3.84 -13.60 14.52
C VAL A 203 3.34 -13.80 13.08
N VAL A 204 2.58 -14.87 12.85
CA VAL A 204 2.07 -15.14 11.50
C VAL A 204 1.08 -14.04 11.07
N ASP A 205 1.26 -13.55 9.86
CA ASP A 205 0.23 -12.71 9.23
C ASP A 205 0.18 -13.15 7.78
N GLY A 206 -0.55 -12.43 6.95
CA GLY A 206 -0.55 -12.75 5.53
C GLY A 206 -1.17 -11.67 4.69
N LEU A 207 -0.90 -11.80 3.41
CA LEU A 207 -1.54 -10.99 2.38
C LEU A 207 -2.58 -11.82 1.64
N GLU A 208 -3.69 -11.20 1.27
CA GLU A 208 -4.64 -11.81 0.34
C GLU A 208 -4.60 -11.07 -0.98
N LYS A 209 -4.46 -11.83 -2.06
CA LYS A 209 -4.64 -11.32 -3.40
C LYS A 209 -6.03 -11.73 -3.88
N ALA A 210 -6.79 -10.76 -4.35
CA ALA A 210 -8.16 -10.98 -4.83
C ALA A 210 -8.29 -10.32 -6.19
N ILE A 211 -8.38 -11.13 -7.23
CA ILE A 211 -8.47 -10.61 -8.58
C ILE A 211 -9.93 -10.47 -9.01
N TYR A 212 -10.32 -9.24 -9.37
CA TYR A 212 -11.70 -8.95 -9.80
C TYR A 212 -12.04 -9.65 -11.12
N GLN A 213 -13.21 -10.30 -11.15
CA GLN A 213 -13.64 -11.07 -12.31
C GLN A 213 -14.74 -10.37 -13.10
N GLY A 214 -15.15 -9.18 -12.68
CA GLY A 214 -16.22 -8.50 -13.36
C GLY A 214 -17.52 -8.81 -12.65
N PRO A 215 -18.59 -8.12 -13.04
CA PRO A 215 -19.92 -8.33 -12.48
C PRO A 215 -20.52 -9.68 -12.88
MG MG B . -0.51 -3.15 7.52
CL CL C . 3.67 0.70 4.93
CL CL D . 9.77 -7.81 8.65
S SO4 E . 8.71 8.08 -15.58
O1 SO4 E . 9.14 9.20 -14.75
O2 SO4 E . 7.96 7.11 -14.77
O3 SO4 E . 7.84 8.58 -16.65
O4 SO4 E . 9.88 7.43 -16.17
S SO4 F . 4.46 8.87 19.74
O1 SO4 F . 5.80 9.34 20.14
O2 SO4 F . 3.45 9.75 20.32
O3 SO4 F . 4.36 8.87 18.28
O4 SO4 F . 4.26 7.50 20.24
N1 662 G . -6.15 5.81 6.92
C2 662 G . -4.72 5.90 7.16
C3 662 G . -4.25 6.27 8.51
C4 662 G . -6.81 6.28 5.80
C5 662 G . -8.14 5.93 5.93
N6 662 G . -8.27 5.22 7.11
C7 662 G . -2.16 -1.92 11.30
C8 662 G . -2.89 5.64 8.57
C9 662 G . -7.04 5.14 7.69
O10 662 G . -4.17 4.53 6.93
O11 662 G . -4.30 7.63 8.66
C12 662 G . -0.43 -3.33 10.39
C13 662 G . -1.39 -2.36 10.21
C14 662 G . -2.32 5.58 9.95
C15 662 G . -3.22 4.30 7.97
C16 662 G . -1.99 -2.49 12.54
C17 662 G . -3.19 -0.87 11.18
C18 662 G . -9.03 6.33 4.89
N19 662 G . -6.34 6.98 4.74
O20 662 G . 0.33 -3.74 9.32
C21 662 G . -1.06 -3.45 12.76
N22 662 G . -8.54 7.03 3.82
C23 662 G . -0.29 -3.88 11.65
C24 662 G . -7.21 7.33 3.75
C25 662 G . -0.89 -4.02 14.06
C26 662 G . -3.81 3.31 8.97
O27 662 G . -4.01 -0.62 12.07
N28 662 G . -3.18 -0.10 10.00
C29 662 G . -3.47 1.98 8.91
C30 662 G . -0.62 -5.39 14.20
C31 662 G . -1.00 -3.25 15.22
N32 662 G . -10.41 6.06 4.95
O33 662 G . -1.50 -1.87 8.93
C34 662 G . -0.53 -5.16 16.60
C35 662 G . -0.79 -3.81 16.48
C36 662 G . -0.42 -5.96 15.47
F37 662 G . -0.31 -5.66 17.81
C38 662 G . -4.11 0.99 9.84
C39 662 G . -11.07 5.46 6.10
C40 662 G . -11.50 6.55 7.07
C41 662 G . -12.56 6.01 8.01
H2 662 G . -4.33 6.49 6.49
H3 662 G . -4.82 5.84 9.19
H8 662 G . -2.29 6.14 8.00
H9 662 G . -6.84 4.71 8.55
HO11 662 G . -4.43 8.01 7.87
H14 662 G . -2.06 6.47 10.25
H14A 662 G . -2.97 5.21 10.57
H14B 662 G . -1.52 4.99 9.95
H15 662 G . -2.41 3.89 7.61
H16 662 G . -2.53 -2.18 13.28
HO20 662 G . 0.89 -4.36 9.59
H23 662 G . 0.39 -4.57 11.78
H24 662 G . -6.89 7.84 2.99
H26 662 G . -4.50 3.61 9.60
HN28 662 G . -2.56 -0.26 9.37
H29 662 G . -2.82 1.67 8.25
H30 662 G . -0.54 -5.94 13.41
H31 662 G . -1.17 -2.30 15.14
HN32 662 G . -10.92 6.27 4.23
HO33 662 G . -0.98 -1.14 8.85
H35 662 G . -0.86 -3.25 17.28
H36 662 G . -0.21 -6.90 15.55
H38 662 G . -4.28 1.41 10.70
H38A 662 G . -4.94 0.66 9.46
H39 662 G . -11.87 4.97 5.80
H39A 662 G . -10.46 4.85 6.54
H40 662 G . -10.72 6.85 7.58
H40A 662 G . -11.85 7.30 6.57
H41 662 G . -12.33 6.23 8.93
H41A 662 G . -12.61 5.03 7.93
H41B 662 G . -13.43 6.41 7.79
C3' NHE H . 2.46 17.74 0.64
C2' NHE H . 1.60 17.58 -0.63
C1' NHE H . 0.92 16.19 -0.71
C6' NHE H . 0.17 15.92 0.59
N NHE H . -0.12 16.11 -1.83
C1 NHE H . 0.31 16.50 -3.22
C2 NHE H . -0.68 15.85 -4.20
S NHE H . -1.50 17.10 -5.18
O1 NHE H . -2.30 16.38 -6.42
O2 NHE H . -0.31 18.15 -5.63
O3 NHE H . -2.56 17.89 -4.19
C5' NHE H . 1.10 15.95 1.79
C4' NHE H . 1.76 17.32 1.92
H3'1 NHE H . 3.35 17.13 0.52
H3'2 NHE H . 2.76 18.77 0.73
H2'1 NHE H . 0.84 18.34 -0.64
H2'2 NHE H . 2.25 17.71 -1.49
HC'1 NHE H . 1.67 15.44 -0.86
H6'1 NHE H . -0.60 16.67 0.71
H6'2 NHE H . -0.29 14.94 0.53
HC11 NHE H . 1.31 16.14 -3.41
HC12 NHE H . 0.28 17.58 -3.32
HC21 NHE H . -1.42 15.29 -3.65
HC22 NHE H . -0.15 15.19 -4.86
H5'1 NHE H . 1.86 15.20 1.66
H5'2 NHE H . 0.53 15.73 2.69
H4'1 NHE H . 2.49 17.27 2.72
H4'2 NHE H . 1.00 18.05 2.18
#